data_1KSY
#
_entry.id   1KSY
#
_cell.length_a   149.111
_cell.length_b   110.600
_cell.length_c   75.084
_cell.angle_alpha   90.00
_cell.angle_beta   116.85
_cell.angle_gamma   90.00
#
_symmetry.space_group_name_H-M   'C 1 2 1'
#
loop_
_entity.id
_entity.type
_entity.pdbx_description
1 polymer 'E1 Recognition Sequence, Strand 1'
2 polymer 'E1 Recognition Sequence, Strand 2'
3 polymer 'REPLICATION PROTEIN E1'
4 water water
#
loop_
_entity_poly.entity_id
_entity_poly.type
_entity_poly.pdbx_seq_one_letter_code
_entity_poly.pdbx_strand_id
1 'polydeoxyribonucleotide'
;(DA)(DT)(DA)(DA)(DT)(DT)(DG)(DT)(DT)(DG)(DT)(DC)(DA)(DA)(DC)(DA)(DA)(DT)(DT)(DA)
(DT)
;
D,E
2 'polydeoxyribonucleotide'
;(DA)(DT)(DA)(DA)(DT)(DT)(DG)(DT)(DT)(DG)(DA)(DC)(DA)(DA)(DC)(DA)(DA)(DT)(DT)(DA)
(DT)
;
F
3 'polypeptide(L)'
;GSRATVFKLGLFKSLFLCSFHDITRLFKNDKTTNQQWVLAVFGLAEVFFEASFELLKKQCSFLQMQKRSHEGGTCAVYLI
CFNTAKSRETVRNLMANMLNVREECLMLQPPKIRGLSAALFWFKSSLSPATLKHGALPEWIRAQTTLNESLQTE
;
A,B,C
#
loop_
_chem_comp.id
_chem_comp.type
_chem_comp.name
_chem_comp.formula
DA DNA linking 2'-DEOXYADENOSINE-5'-MONOPHOSPHATE 'C10 H14 N5 O6 P'
DC DNA linking 2'-DEOXYCYTIDINE-5'-MONOPHOSPHATE 'C9 H14 N3 O7 P'
DG DNA linking 2'-DEOXYGUANOSINE-5'-MONOPHOSPHATE 'C10 H14 N5 O7 P'
DT DNA linking THYMIDINE-5'-MONOPHOSPHATE 'C10 H15 N2 O8 P'
#
# COMPACT_ATOMS: atom_id res chain seq x y z
N ALA D 4 -27.15 -3.85 23.70
CA ALA D 4 -26.39 -3.29 24.87
C ALA D 4 -27.31 -2.54 25.81
N THR D 5 -27.80 -1.38 25.36
CA THR D 5 -28.68 -0.56 26.18
C THR D 5 -30.15 -0.77 25.81
N VAL D 6 -31.02 -0.56 26.79
CA VAL D 6 -32.46 -0.69 26.59
C VAL D 6 -32.87 -0.14 25.23
N PHE D 7 -32.60 1.15 25.04
CA PHE D 7 -32.92 1.86 23.81
C PHE D 7 -32.62 1.03 22.57
N LYS D 8 -31.35 0.76 22.34
CA LYS D 8 -30.92 -0.02 21.18
C LYS D 8 -31.85 -1.19 20.88
N LEU D 9 -32.01 -2.07 21.85
CA LEU D 9 -32.86 -3.25 21.69
C LEU D 9 -34.31 -2.84 21.41
N GLY D 10 -34.94 -2.18 22.38
CA GLY D 10 -36.32 -1.75 22.24
C GLY D 10 -36.62 -1.16 20.87
N LEU D 11 -35.69 -0.34 20.38
CA LEU D 11 -35.83 0.30 19.08
C LEU D 11 -35.67 -0.74 17.98
N PHE D 12 -34.66 -1.60 18.13
CA PHE D 12 -34.40 -2.65 17.15
C PHE D 12 -35.62 -3.54 16.97
N LYS D 13 -36.05 -4.17 18.05
CA LYS D 13 -37.21 -5.05 18.01
C LYS D 13 -38.37 -4.33 17.37
N SER D 14 -38.51 -3.06 17.71
CA SER D 14 -39.59 -2.22 17.18
C SER D 14 -39.57 -2.11 15.66
N LEU D 15 -38.39 -2.07 15.08
CA LEU D 15 -38.26 -1.95 13.63
C LEU D 15 -38.17 -3.27 12.88
N PHE D 16 -37.47 -4.24 13.45
CA PHE D 16 -37.30 -5.53 12.79
C PHE D 16 -38.27 -6.61 13.30
N LEU D 17 -39.13 -6.23 14.23
CA LEU D 17 -40.13 -7.15 14.78
C LEU D 17 -39.56 -8.46 15.30
N CYS D 18 -38.53 -8.36 16.14
CA CYS D 18 -37.93 -9.55 16.73
C CYS D 18 -36.75 -9.11 17.58
N SER D 19 -36.61 -9.73 18.74
CA SER D 19 -35.55 -9.39 19.67
C SER D 19 -34.16 -9.68 19.09
N PHE D 20 -33.26 -8.72 19.23
CA PHE D 20 -31.90 -8.83 18.75
C PHE D 20 -31.28 -10.15 19.22
N HIS D 21 -31.73 -10.63 20.37
CA HIS D 21 -31.22 -11.87 20.94
C HIS D 21 -31.61 -13.10 20.11
N ASP D 22 -32.83 -13.11 19.59
CA ASP D 22 -33.32 -14.23 18.81
C ASP D 22 -32.53 -14.51 17.53
N ILE D 23 -31.47 -13.75 17.29
CA ILE D 23 -30.68 -13.95 16.09
C ILE D 23 -29.18 -13.92 16.37
N THR D 24 -28.83 -13.90 17.64
CA THR D 24 -27.42 -13.86 18.03
C THR D 24 -27.10 -14.64 19.29
N ARG D 25 -25.95 -15.31 19.30
CA ARG D 25 -25.51 -16.05 20.48
C ARG D 25 -24.58 -15.13 21.25
N LEU D 26 -24.31 -15.44 22.51
CA LEU D 26 -23.45 -14.57 23.32
C LEU D 26 -21.95 -14.77 23.19
N PHE D 27 -21.23 -13.67 23.37
CA PHE D 27 -19.77 -13.59 23.33
C PHE D 27 -19.42 -12.56 24.41
N LYS D 28 -19.27 -13.00 25.65
CA LYS D 28 -18.97 -12.07 26.73
C LYS D 28 -17.56 -11.49 26.76
N ASN D 29 -16.72 -11.91 25.81
CA ASN D 29 -15.36 -11.39 25.76
C ASN D 29 -15.07 -10.71 24.42
N ASP D 30 -14.76 -9.42 24.48
CA ASP D 30 -14.48 -8.63 23.30
C ASP D 30 -13.25 -9.10 22.54
N LYS D 31 -12.49 -10.02 23.12
CA LYS D 31 -11.29 -10.55 22.50
C LYS D 31 -11.56 -11.81 21.70
N THR D 32 -12.67 -12.48 22.00
CA THR D 32 -13.04 -13.70 21.30
C THR D 32 -13.12 -13.44 19.80
N THR D 33 -12.30 -14.14 19.03
CA THR D 33 -12.27 -13.98 17.59
C THR D 33 -13.33 -14.84 16.90
N ASN D 34 -13.74 -14.41 15.71
CA ASN D 34 -14.74 -15.13 14.93
C ASN D 34 -14.94 -14.46 13.57
N GLN D 35 -15.40 -15.23 12.60
CA GLN D 35 -15.62 -14.72 11.25
C GLN D 35 -17.01 -14.11 11.03
N GLN D 36 -18.04 -14.77 11.53
CA GLN D 36 -19.41 -14.30 11.37
C GLN D 36 -19.88 -13.37 12.47
N TRP D 37 -20.38 -12.21 12.08
CA TRP D 37 -20.87 -11.22 13.04
C TRP D 37 -22.18 -10.55 12.64
N VAL D 38 -23.03 -10.30 13.63
CA VAL D 38 -24.30 -9.63 13.42
C VAL D 38 -24.13 -8.22 13.97
N LEU D 39 -24.42 -7.21 13.16
CA LEU D 39 -24.26 -5.83 13.61
C LEU D 39 -25.53 -5.00 13.56
N ALA D 40 -25.79 -4.30 14.65
CA ALA D 40 -26.95 -3.42 14.75
C ALA D 40 -26.38 -2.02 14.86
N VAL D 41 -26.79 -1.14 13.95
CA VAL D 41 -26.28 0.23 13.96
C VAL D 41 -27.43 1.21 14.13
N PHE D 42 -27.13 2.35 14.74
CA PHE D 42 -28.14 3.37 14.99
C PHE D 42 -27.67 4.76 14.57
N GLY D 43 -28.55 5.52 13.92
CA GLY D 43 -28.20 6.86 13.49
C GLY D 43 -27.26 6.84 12.30
N LEU D 44 -27.29 5.74 11.55
CA LEU D 44 -26.42 5.60 10.39
C LEU D 44 -26.88 6.48 9.24
N ALA D 45 -25.92 7.17 8.61
CA ALA D 45 -26.21 8.04 7.48
C ALA D 45 -26.36 7.23 6.21
N GLU D 46 -27.43 7.49 5.46
CA GLU D 46 -27.70 6.78 4.21
C GLU D 46 -26.43 6.53 3.40
N VAL D 47 -25.70 7.61 3.11
CA VAL D 47 -24.47 7.53 2.33
C VAL D 47 -23.50 6.48 2.87
N PHE D 48 -23.20 6.55 4.16
CA PHE D 48 -22.28 5.59 4.77
C PHE D 48 -22.79 4.16 4.63
N PHE D 49 -24.10 3.98 4.77
CA PHE D 49 -24.70 2.65 4.63
C PHE D 49 -24.30 2.10 3.26
N GLU D 50 -24.63 2.86 2.22
CA GLU D 50 -24.30 2.45 0.86
C GLU D 50 -22.81 2.18 0.75
N ALA D 51 -22.00 3.12 1.23
CA ALA D 51 -20.56 3.00 1.17
C ALA D 51 -20.05 1.71 1.82
N SER D 52 -20.35 1.56 3.11
CA SER D 52 -19.93 0.38 3.86
C SER D 52 -20.08 -0.90 3.05
N PHE D 53 -21.20 -1.03 2.35
CA PHE D 53 -21.45 -2.21 1.53
C PHE D 53 -20.24 -2.53 0.65
N GLU D 54 -19.95 -1.62 -0.28
CA GLU D 54 -18.82 -1.82 -1.20
C GLU D 54 -17.51 -2.15 -0.50
N LEU D 55 -17.20 -1.44 0.58
CA LEU D 55 -15.95 -1.69 1.31
C LEU D 55 -15.88 -3.04 1.99
N LEU D 56 -17.02 -3.54 2.45
CA LEU D 56 -17.03 -4.84 3.12
C LEU D 56 -16.92 -5.99 2.14
N LYS D 57 -17.44 -5.80 0.92
CA LYS D 57 -17.38 -6.85 -0.07
C LYS D 57 -15.94 -7.33 -0.25
N LYS D 58 -15.01 -6.37 -0.30
CA LYS D 58 -13.60 -6.69 -0.48
C LYS D 58 -13.09 -7.75 0.49
N GLN D 59 -13.48 -7.63 1.76
CA GLN D 59 -13.01 -8.56 2.77
C GLN D 59 -14.09 -9.48 3.37
N CYS D 60 -14.98 -10.00 2.54
CA CYS D 60 -16.04 -10.87 3.03
C CYS D 60 -16.40 -12.01 2.09
N SER D 61 -16.89 -13.09 2.67
CA SER D 61 -17.31 -14.27 1.91
C SER D 61 -18.81 -14.13 1.64
N PHE D 62 -19.50 -13.52 2.61
CA PHE D 62 -20.93 -13.28 2.50
C PHE D 62 -21.27 -11.99 3.24
N LEU D 63 -22.33 -11.32 2.81
CA LEU D 63 -22.75 -10.07 3.42
C LEU D 63 -24.18 -9.71 3.07
N GLN D 64 -24.98 -9.40 4.09
CA GLN D 64 -26.38 -9.03 3.88
C GLN D 64 -26.68 -7.82 4.76
N MET D 65 -27.21 -6.77 4.13
CA MET D 65 -27.51 -5.54 4.84
C MET D 65 -28.95 -5.08 4.67
N GLN D 66 -29.58 -4.68 5.78
CA GLN D 66 -30.95 -4.19 5.75
C GLN D 66 -31.00 -2.91 6.58
N LYS D 67 -31.89 -1.99 6.21
CA LYS D 67 -32.02 -0.74 6.92
C LYS D 67 -33.47 -0.27 6.99
N ARG D 68 -33.90 0.11 8.19
CA ARG D 68 -35.26 0.58 8.41
C ARG D 68 -35.24 1.77 9.36
N SER D 69 -36.40 2.40 9.58
CA SER D 69 -36.46 3.56 10.46
C SER D 69 -37.88 4.05 10.72
N HIS D 70 -37.97 5.17 11.44
CA HIS D 70 -39.24 5.80 11.77
C HIS D 70 -39.00 7.03 12.66
N GLU D 71 -40.03 7.80 12.90
CA GLU D 71 -39.93 9.02 13.71
C GLU D 71 -39.48 8.82 15.16
N GLY D 72 -38.68 7.79 15.40
CA GLY D 72 -38.20 7.53 16.74
C GLY D 72 -36.74 7.15 16.71
N GLY D 73 -36.28 6.78 15.52
CA GLY D 73 -34.89 6.39 15.35
C GLY D 73 -34.74 5.47 14.15
N THR D 74 -33.54 5.41 13.60
CA THR D 74 -33.29 4.56 12.45
C THR D 74 -32.35 3.44 12.88
N CYS D 75 -32.33 2.36 12.11
CA CYS D 75 -31.46 1.24 12.44
C CYS D 75 -31.17 0.34 11.24
N ALA D 76 -30.00 -0.29 11.27
CA ALA D 76 -29.61 -1.20 10.19
C ALA D 76 -28.96 -2.43 10.79
N VAL D 77 -29.12 -3.56 10.11
CA VAL D 77 -28.53 -4.81 10.58
C VAL D 77 -27.55 -5.37 9.57
N TYR D 78 -26.48 -5.98 10.06
CA TYR D 78 -25.45 -6.55 9.20
C TYR D 78 -25.13 -7.98 9.56
N LEU D 79 -25.06 -8.85 8.54
CA LEU D 79 -24.68 -10.23 8.75
C LEU D 79 -23.39 -10.28 7.95
N ILE D 80 -22.26 -10.30 8.64
CA ILE D 80 -20.97 -10.30 7.97
C ILE D 80 -20.16 -11.57 8.18
N CYS D 81 -19.50 -12.01 7.12
CA CYS D 81 -18.67 -13.20 7.14
C CYS D 81 -17.27 -12.84 6.66
N PHE D 82 -16.52 -12.14 7.52
CA PHE D 82 -15.16 -11.73 7.20
C PHE D 82 -14.30 -12.91 6.76
N ASN D 83 -13.46 -12.70 5.75
CA ASN D 83 -12.58 -13.76 5.27
C ASN D 83 -11.63 -14.13 6.40
N THR D 84 -11.52 -13.24 7.38
CA THR D 84 -10.64 -13.47 8.52
C THR D 84 -11.39 -13.33 9.83
N ALA D 85 -11.01 -14.13 10.82
CA ALA D 85 -11.65 -14.07 12.12
C ALA D 85 -11.26 -12.75 12.79
N LYS D 86 -12.25 -12.06 13.34
CA LYS D 86 -12.01 -10.78 14.00
C LYS D 86 -12.66 -10.70 15.37
N SER D 87 -11.91 -10.20 16.35
CA SER D 87 -12.43 -10.05 17.69
C SER D 87 -13.45 -8.92 17.64
N ARG D 88 -14.23 -8.75 18.70
CA ARG D 88 -15.21 -7.69 18.72
C ARG D 88 -14.50 -6.34 18.64
N GLU D 89 -13.41 -6.21 19.39
CA GLU D 89 -12.64 -4.97 19.37
C GLU D 89 -12.31 -4.65 17.93
N THR D 90 -11.65 -5.58 17.26
CA THR D 90 -11.27 -5.41 15.86
C THR D 90 -12.43 -4.89 15.03
N VAL D 91 -13.54 -5.61 15.05
CA VAL D 91 -14.72 -5.19 14.30
C VAL D 91 -15.21 -3.85 14.84
N ARG D 92 -15.40 -3.79 16.16
CA ARG D 92 -15.86 -2.57 16.82
C ARG D 92 -15.12 -1.36 16.29
N ASN D 93 -13.82 -1.50 16.07
CA ASN D 93 -13.02 -0.40 15.55
C ASN D 93 -13.31 -0.19 14.07
N LEU D 94 -13.07 -1.23 13.27
CA LEU D 94 -13.29 -1.15 11.83
C LEU D 94 -14.60 -0.48 11.44
N MET D 95 -15.71 -1.00 11.97
CA MET D 95 -17.01 -0.45 11.66
C MET D 95 -17.25 0.95 12.21
N ALA D 96 -16.99 1.13 13.50
CA ALA D 96 -17.18 2.44 14.14
C ALA D 96 -16.70 3.56 13.23
N ASN D 97 -15.55 3.36 12.61
CA ASN D 97 -14.98 4.35 11.70
C ASN D 97 -15.68 4.29 10.34
N MET D 98 -15.67 3.11 9.75
CA MET D 98 -16.29 2.90 8.43
C MET D 98 -17.69 3.51 8.33
N LEU D 99 -18.51 3.30 9.34
CA LEU D 99 -19.87 3.83 9.33
C LEU D 99 -19.93 5.26 9.85
N ASN D 100 -18.83 5.71 10.44
CA ASN D 100 -18.75 7.06 10.98
C ASN D 100 -19.76 7.28 12.10
N VAL D 101 -19.68 6.43 13.12
CA VAL D 101 -20.57 6.52 14.28
C VAL D 101 -19.78 6.10 15.52
N ARG D 102 -20.15 6.63 16.67
CA ARG D 102 -19.46 6.29 17.91
C ARG D 102 -19.76 4.85 18.31
N GLU D 103 -18.79 4.18 18.93
CA GLU D 103 -18.95 2.80 19.36
C GLU D 103 -20.24 2.61 20.14
N GLU D 104 -20.59 3.59 20.96
CA GLU D 104 -21.80 3.51 21.77
C GLU D 104 -23.05 3.32 20.93
N CYS D 105 -22.88 3.28 19.61
CA CYS D 105 -24.01 3.09 18.70
C CYS D 105 -23.88 1.79 17.93
N LEU D 106 -23.24 0.80 18.55
CA LEU D 106 -23.05 -0.50 17.91
C LEU D 106 -23.25 -1.68 18.85
N MET D 107 -23.93 -2.70 18.35
CA MET D 107 -24.18 -3.92 19.10
C MET D 107 -23.60 -5.07 18.29
N LEU D 108 -22.53 -5.68 18.77
CA LEU D 108 -21.89 -6.78 18.06
C LEU D 108 -21.91 -8.11 18.79
N GLN D 109 -22.62 -9.06 18.19
CA GLN D 109 -22.75 -10.40 18.73
C GLN D 109 -22.73 -11.40 17.58
N PRO D 110 -22.11 -12.57 17.78
CA PRO D 110 -22.06 -13.56 16.71
C PRO D 110 -23.48 -14.05 16.42
N PRO D 111 -23.73 -14.55 15.21
CA PRO D 111 -25.06 -15.04 14.86
C PRO D 111 -25.47 -16.32 15.56
N LYS D 112 -26.78 -16.53 15.63
CA LYS D 112 -27.35 -17.73 16.24
C LYS D 112 -27.44 -18.73 15.10
N ILE D 113 -26.33 -19.41 14.82
CA ILE D 113 -26.25 -20.39 13.74
C ILE D 113 -27.07 -21.65 13.98
N ARG D 114 -27.63 -21.81 15.16
CA ARG D 114 -28.43 -22.99 15.45
C ARG D 114 -29.77 -22.56 16.02
N GLY D 115 -30.74 -22.40 15.12
CA GLY D 115 -32.07 -21.98 15.51
C GLY D 115 -32.88 -21.61 14.28
N LEU D 116 -34.03 -22.26 14.11
CA LEU D 116 -34.88 -21.98 12.96
C LEU D 116 -35.38 -20.55 12.93
N SER D 117 -36.03 -20.13 14.02
CA SER D 117 -36.56 -18.78 14.13
C SER D 117 -35.58 -17.80 13.53
N ALA D 118 -34.34 -17.85 14.01
CA ALA D 118 -33.28 -16.97 13.53
C ALA D 118 -33.01 -17.20 12.05
N ALA D 119 -32.54 -18.39 11.71
CA ALA D 119 -32.21 -18.76 10.33
C ALA D 119 -33.18 -18.19 9.29
N LEU D 120 -34.45 -18.04 9.64
CA LEU D 120 -35.43 -17.50 8.71
C LEU D 120 -35.31 -15.99 8.56
N PHE D 121 -35.04 -15.31 9.67
CA PHE D 121 -34.90 -13.85 9.65
C PHE D 121 -34.00 -13.42 8.51
N TRP D 122 -32.93 -14.18 8.31
CA TRP D 122 -31.97 -13.90 7.25
C TRP D 122 -32.57 -14.23 5.90
N PHE D 123 -33.40 -15.27 5.86
CA PHE D 123 -34.04 -15.68 4.63
C PHE D 123 -35.07 -14.64 4.22
N LYS D 124 -36.00 -14.34 5.13
CA LYS D 124 -37.03 -13.35 4.85
C LYS D 124 -36.41 -12.09 4.26
N SER D 125 -35.31 -11.64 4.86
CA SER D 125 -34.61 -10.45 4.38
C SER D 125 -34.09 -10.66 2.98
N SER D 126 -33.39 -11.76 2.76
CA SER D 126 -32.82 -12.07 1.44
C SER D 126 -33.88 -12.04 0.35
N LEU D 127 -35.14 -11.94 0.77
CA LEU D 127 -36.25 -11.90 -0.19
C LEU D 127 -36.53 -10.46 -0.61
N SER D 128 -36.54 -9.55 0.37
CA SER D 128 -36.79 -8.15 0.10
C SER D 128 -35.75 -7.57 -0.85
N PRO D 129 -36.17 -6.71 -1.79
CA PRO D 129 -35.24 -6.11 -2.74
C PRO D 129 -34.40 -5.03 -2.06
N ALA D 130 -35.01 -4.35 -1.09
CA ALA D 130 -34.36 -3.29 -0.34
C ALA D 130 -33.05 -3.78 0.26
N THR D 131 -33.01 -5.06 0.60
CA THR D 131 -31.82 -5.66 1.20
C THR D 131 -30.65 -5.74 0.23
N LEU D 132 -29.45 -5.53 0.76
CA LEU D 132 -28.23 -5.57 -0.04
C LEU D 132 -27.56 -6.92 0.25
N LYS D 133 -27.39 -7.74 -0.78
CA LYS D 133 -26.79 -9.06 -0.61
C LYS D 133 -25.52 -9.23 -1.44
N HIS D 134 -24.69 -10.17 -1.02
CA HIS D 134 -23.43 -10.47 -1.70
C HIS D 134 -22.84 -11.78 -1.19
N GLY D 135 -22.49 -12.66 -2.14
CA GLY D 135 -21.91 -13.93 -1.78
C GLY D 135 -22.97 -15.02 -1.69
N ALA D 136 -22.54 -16.25 -1.48
CA ALA D 136 -23.47 -17.37 -1.37
C ALA D 136 -23.94 -17.55 0.07
N LEU D 137 -25.24 -17.78 0.22
CA LEU D 137 -25.85 -17.97 1.55
C LEU D 137 -25.02 -18.89 2.43
N PRO D 138 -24.83 -18.51 3.70
CA PRO D 138 -24.07 -19.34 4.63
C PRO D 138 -24.71 -20.72 4.69
N GLU D 139 -23.91 -21.75 4.98
CA GLU D 139 -24.43 -23.10 5.05
C GLU D 139 -25.49 -23.25 6.13
N TRP D 140 -25.17 -22.80 7.34
CA TRP D 140 -26.11 -22.92 8.46
C TRP D 140 -27.46 -22.28 8.17
N ILE D 141 -27.53 -21.46 7.13
CA ILE D 141 -28.78 -20.81 6.79
C ILE D 141 -29.59 -21.59 5.76
N ARG D 142 -28.95 -21.97 4.66
CA ARG D 142 -29.62 -22.74 3.61
C ARG D 142 -30.19 -24.04 4.17
N ALA D 143 -29.35 -24.75 4.92
CA ALA D 143 -29.73 -26.02 5.51
C ALA D 143 -30.99 -25.93 6.36
N GLN D 144 -31.01 -24.98 7.30
CA GLN D 144 -32.15 -24.80 8.19
C GLN D 144 -33.41 -24.26 7.49
N THR D 145 -33.29 -23.92 6.21
CA THR D 145 -34.44 -23.40 5.48
C THR D 145 -34.67 -24.12 4.16
N THR D 146 -34.66 -25.45 4.20
CA THR D 146 -34.86 -26.25 3.01
C THR D 146 -35.41 -27.63 3.36
N LEU D 147 -36.42 -28.06 2.60
CA LEU D 147 -37.05 -29.37 2.82
C LEU D 147 -36.02 -30.49 2.72
N ASN D 148 -35.64 -31.04 3.87
CA ASN D 148 -34.67 -32.14 3.90
C ASN D 148 -35.33 -33.46 3.54
N GLY E 1 17.57 -0.77 6.95
CA GLY E 1 18.76 -0.81 7.83
C GLY E 1 20.04 -0.46 7.09
N SER E 2 20.06 0.71 6.45
CA SER E 2 21.24 1.14 5.71
C SER E 2 22.47 1.12 6.59
N ARG E 3 22.29 1.19 7.90
CA ARG E 3 23.42 1.15 8.81
C ARG E 3 24.12 -0.19 8.62
N ALA E 4 23.40 -1.16 8.07
CA ALA E 4 23.96 -2.47 7.80
C ALA E 4 24.63 -2.38 6.44
N THR E 5 23.88 -1.84 5.48
CA THR E 5 24.36 -1.68 4.12
C THR E 5 25.69 -0.95 4.12
N VAL E 6 25.82 0.03 5.01
CA VAL E 6 27.06 0.79 5.10
C VAL E 6 28.16 -0.10 5.67
N PHE E 7 27.83 -0.83 6.73
CA PHE E 7 28.80 -1.73 7.34
C PHE E 7 29.29 -2.68 6.27
N LYS E 8 28.37 -3.40 5.63
CA LYS E 8 28.73 -4.32 4.57
C LYS E 8 29.68 -3.60 3.63
N LEU E 9 29.26 -2.43 3.14
CA LEU E 9 30.09 -1.63 2.24
C LEU E 9 31.44 -1.35 2.88
N GLY E 10 31.42 -0.92 4.13
CA GLY E 10 32.65 -0.64 4.83
C GLY E 10 33.50 -1.88 4.94
N LEU E 11 32.88 -2.97 5.39
CA LEU E 11 33.59 -4.23 5.53
C LEU E 11 34.29 -4.58 4.22
N PHE E 12 33.57 -4.42 3.12
CA PHE E 12 34.12 -4.71 1.80
C PHE E 12 35.38 -3.89 1.54
N LYS E 13 35.23 -2.56 1.58
CA LYS E 13 36.35 -1.66 1.37
C LYS E 13 37.50 -2.04 2.28
N SER E 14 37.16 -2.40 3.51
CA SER E 14 38.16 -2.80 4.49
C SER E 14 38.99 -3.99 4.06
N LEU E 15 38.37 -4.95 3.36
CA LEU E 15 39.06 -6.15 2.92
C LEU E 15 39.69 -6.05 1.55
N PHE E 16 39.00 -5.40 0.62
CA PHE E 16 39.51 -5.27 -0.74
C PHE E 16 40.19 -3.95 -1.03
N LEU E 17 40.28 -3.10 -0.01
CA LEU E 17 40.94 -1.81 -0.14
C LEU E 17 40.45 -0.95 -1.30
N CYS E 18 39.13 -0.80 -1.42
CA CYS E 18 38.56 0.03 -2.47
C CYS E 18 37.04 -0.04 -2.35
N SER E 19 36.39 1.10 -2.52
CA SER E 19 34.95 1.19 -2.43
C SER E 19 34.23 0.35 -3.47
N PHE E 20 33.25 -0.41 -3.02
CA PHE E 20 32.46 -1.27 -3.90
C PHE E 20 31.97 -0.48 -5.12
N HIS E 21 31.76 0.81 -4.91
CA HIS E 21 31.28 1.70 -5.97
C HIS E 21 32.31 1.88 -7.09
N ASP E 22 33.58 1.97 -6.72
CA ASP E 22 34.64 2.18 -7.69
C ASP E 22 34.81 1.05 -8.71
N ILE E 23 33.94 0.05 -8.64
CA ILE E 23 34.04 -1.06 -9.58
C ILE E 23 32.69 -1.47 -10.14
N THR E 24 31.66 -0.67 -9.85
CA THR E 24 30.32 -0.98 -10.31
C THR E 24 29.50 0.26 -10.69
N ARG E 25 28.71 0.15 -11.75
CA ARG E 25 27.84 1.25 -12.16
C ARG E 25 26.47 0.96 -11.56
N LEU E 26 25.60 1.95 -11.51
CA LEU E 26 24.28 1.75 -10.90
C LEU E 26 23.19 1.16 -11.80
N PHE E 27 22.29 0.43 -11.14
CA PHE E 27 21.14 -0.23 -11.75
C PHE E 27 20.05 -0.12 -10.68
N LYS E 28 19.30 0.98 -10.71
CA LYS E 28 18.26 1.19 -9.70
C LYS E 28 17.01 0.32 -9.85
N ASN E 29 16.95 -0.49 -10.90
CA ASN E 29 15.80 -1.36 -11.10
C ASN E 29 16.20 -2.83 -11.12
N ASP E 30 15.67 -3.59 -10.17
CA ASP E 30 15.96 -5.01 -10.05
C ASP E 30 15.51 -5.83 -11.25
N LYS E 31 14.75 -5.21 -12.15
CA LYS E 31 14.26 -5.89 -13.34
C LYS E 31 15.19 -5.71 -14.52
N THR E 32 16.03 -4.68 -14.47
CA THR E 32 16.96 -4.42 -15.56
C THR E 32 17.83 -5.65 -15.81
N THR E 33 17.76 -6.18 -17.02
CA THR E 33 18.53 -7.36 -17.39
C THR E 33 19.93 -7.00 -17.85
N ASN E 34 20.86 -7.95 -17.71
CA ASN E 34 22.25 -7.75 -18.12
C ASN E 34 23.05 -9.03 -17.94
N GLN E 35 24.13 -9.17 -18.69
CA GLN E 35 24.97 -10.36 -18.62
C GLN E 35 26.07 -10.29 -17.57
N GLN E 36 26.75 -9.15 -17.49
CA GLN E 36 27.83 -8.96 -16.54
C GLN E 36 27.38 -8.44 -15.18
N TRP E 37 27.78 -9.14 -14.12
CA TRP E 37 27.43 -8.74 -12.77
C TRP E 37 28.57 -8.87 -11.76
N VAL E 38 28.62 -7.92 -10.83
CA VAL E 38 29.62 -7.91 -9.78
C VAL E 38 28.88 -8.31 -8.51
N LEU E 39 29.37 -9.32 -7.82
CA LEU E 39 28.72 -9.77 -6.60
C LEU E 39 29.59 -9.73 -5.36
N ALA E 40 29.03 -9.18 -4.29
CA ALA E 40 29.72 -9.09 -3.00
C ALA E 40 28.92 -9.99 -2.07
N VAL E 41 29.60 -10.96 -1.47
CA VAL E 41 28.91 -11.88 -0.56
C VAL E 41 29.52 -11.80 0.83
N PHE E 42 28.71 -12.07 1.84
CA PHE E 42 29.16 -12.02 3.23
C PHE E 42 28.75 -13.25 4.02
N GLY E 43 29.67 -13.77 4.83
CA GLY E 43 29.38 -14.95 5.63
C GLY E 43 29.30 -16.20 4.79
N LEU E 44 29.96 -16.18 3.64
CA LEU E 44 29.99 -17.33 2.74
C LEU E 44 30.83 -18.48 3.29
N ALA E 45 30.28 -19.69 3.21
CA ALA E 45 30.98 -20.88 3.69
C ALA E 45 31.99 -21.33 2.64
N GLU E 46 33.21 -21.61 3.10
CA GLU E 46 34.28 -22.06 2.21
C GLU E 46 33.79 -23.05 1.15
N VAL E 47 33.15 -24.12 1.62
CA VAL E 47 32.64 -25.16 0.73
C VAL E 47 31.78 -24.60 -0.40
N PHE E 48 30.78 -23.80 -0.04
CA PHE E 48 29.90 -23.20 -1.03
C PHE E 48 30.66 -22.35 -2.03
N PHE E 49 31.67 -21.63 -1.54
CA PHE E 49 32.48 -20.79 -2.42
C PHE E 49 33.07 -21.68 -3.51
N GLU E 50 33.77 -22.73 -3.09
CA GLU E 50 34.37 -23.66 -4.03
C GLU E 50 33.30 -24.20 -4.97
N ALA E 51 32.20 -24.67 -4.40
CA ALA E 51 31.10 -25.23 -5.16
C ALA E 51 30.60 -24.26 -6.24
N SER E 52 30.11 -23.10 -5.80
CA SER E 52 29.60 -22.09 -6.70
C SER E 52 30.43 -21.95 -7.96
N PHE E 53 31.75 -21.99 -7.80
CA PHE E 53 32.65 -21.86 -8.93
C PHE E 53 32.26 -22.83 -10.05
N GLU E 54 32.36 -24.13 -9.75
CA GLU E 54 32.03 -25.17 -10.71
C GLU E 54 30.65 -25.00 -11.36
N LEU E 55 29.65 -24.70 -10.55
CA LEU E 55 28.30 -24.53 -11.07
C LEU E 55 28.12 -23.33 -11.98
N LEU E 56 28.86 -22.26 -11.73
CA LEU E 56 28.75 -21.08 -12.57
C LEU E 56 29.46 -21.24 -13.90
N LYS E 57 30.52 -22.04 -13.92
CA LYS E 57 31.25 -22.25 -15.17
C LYS E 57 30.31 -22.73 -16.26
N LYS E 58 29.40 -23.64 -15.90
CA LYS E 58 28.44 -24.18 -16.86
C LYS E 58 27.70 -23.10 -17.64
N GLN E 59 27.26 -22.05 -16.95
CA GLN E 59 26.50 -20.99 -17.58
C GLN E 59 27.19 -19.63 -17.64
N CYS E 60 28.48 -19.62 -17.95
CA CYS E 60 29.22 -18.37 -18.03
C CYS E 60 30.29 -18.33 -19.12
N SER E 61 30.56 -17.12 -19.61
CA SER E 61 31.56 -16.90 -20.65
C SER E 61 32.87 -16.57 -19.95
N PHE E 62 32.76 -15.90 -18.81
CA PHE E 62 33.91 -15.52 -18.00
C PHE E 62 33.50 -15.49 -16.53
N LEU E 63 34.45 -15.76 -15.65
CA LEU E 63 34.19 -15.78 -14.22
C LEU E 63 35.46 -15.64 -13.40
N GLN E 64 35.45 -14.72 -12.44
CA GLN E 64 36.60 -14.51 -11.57
C GLN E 64 36.09 -14.38 -10.14
N MET E 65 36.65 -15.18 -9.24
CA MET E 65 36.25 -15.17 -7.84
C MET E 65 37.40 -14.97 -6.87
N GLN E 66 37.18 -14.10 -5.89
CA GLN E 66 38.19 -13.82 -4.87
C GLN E 66 37.51 -13.86 -3.51
N LYS E 67 38.24 -14.25 -2.49
CA LYS E 67 37.68 -14.34 -1.14
C LYS E 67 38.70 -13.97 -0.08
N ARG E 68 38.28 -13.21 0.92
CA ARG E 68 39.20 -12.83 1.98
C ARG E 68 38.54 -12.86 3.34
N SER E 69 38.47 -14.07 3.91
CA SER E 69 37.88 -14.27 5.22
C SER E 69 38.74 -13.59 6.26
N HIS E 70 38.13 -12.71 7.05
CA HIS E 70 38.87 -11.98 8.08
C HIS E 70 38.69 -12.65 9.44
N GLU E 71 38.64 -11.82 10.47
CA GLU E 71 38.48 -12.30 11.84
C GLU E 71 37.18 -11.75 12.40
N GLY E 72 36.07 -12.31 11.91
CA GLY E 72 34.75 -11.90 12.33
C GLY E 72 33.74 -12.38 11.31
N GLY E 73 34.25 -12.99 10.25
CA GLY E 73 33.41 -13.50 9.18
C GLY E 73 34.20 -13.67 7.90
N THR E 74 33.52 -13.61 6.77
CA THR E 74 34.19 -13.76 5.48
C THR E 74 33.51 -12.89 4.41
N CYS E 75 34.23 -12.63 3.32
CA CYS E 75 33.69 -11.83 2.22
C CYS E 75 34.30 -12.29 0.90
N ALA E 76 33.52 -12.17 -0.18
CA ALA E 76 34.00 -12.59 -1.49
C ALA E 76 33.38 -11.76 -2.61
N VAL E 77 34.11 -11.61 -3.70
CA VAL E 77 33.64 -10.85 -4.85
C VAL E 77 33.55 -11.71 -6.10
N TYR E 78 32.53 -11.46 -6.91
CA TYR E 78 32.33 -12.22 -8.14
C TYR E 78 32.16 -11.32 -9.35
N LEU E 79 32.86 -11.65 -10.43
CA LEU E 79 32.71 -10.93 -11.68
C LEU E 79 32.15 -12.02 -12.57
N ILE E 80 30.86 -11.95 -12.86
CA ILE E 80 30.21 -12.97 -13.67
C ILE E 80 29.70 -12.48 -15.02
N CYS E 81 29.89 -13.32 -16.03
CA CYS E 81 29.44 -13.00 -17.39
C CYS E 81 28.53 -14.12 -17.88
N PHE E 82 27.30 -14.14 -17.36
CA PHE E 82 26.33 -15.16 -17.73
C PHE E 82 26.11 -15.21 -19.24
N ASN E 83 25.99 -16.41 -19.79
CA ASN E 83 25.77 -16.57 -21.22
C ASN E 83 24.45 -15.91 -21.58
N THR E 84 23.62 -15.69 -20.57
CA THR E 84 22.32 -15.08 -20.77
C THR E 84 22.14 -13.87 -19.87
N ALA E 85 21.43 -12.86 -20.36
CA ALA E 85 21.17 -11.65 -19.59
C ALA E 85 20.22 -12.00 -18.45
N LYS E 86 20.56 -11.56 -17.24
CA LYS E 86 19.73 -11.84 -16.08
C LYS E 86 19.45 -10.59 -15.26
N SER E 87 18.20 -10.43 -14.84
CA SER E 87 17.82 -9.29 -14.03
C SER E 87 18.43 -9.51 -12.67
N ARG E 88 18.41 -8.49 -11.80
CA ARG E 88 18.97 -8.64 -10.47
C ARG E 88 18.18 -9.69 -9.72
N GLU E 89 16.85 -9.64 -9.84
CA GLU E 89 16.00 -10.61 -9.17
C GLU E 89 16.50 -12.00 -9.53
N THR E 90 16.54 -12.27 -10.84
CA THR E 90 17.00 -13.57 -11.35
C THR E 90 18.29 -13.99 -10.66
N VAL E 91 19.31 -13.15 -10.75
CA VAL E 91 20.60 -13.46 -10.13
C VAL E 91 20.41 -13.55 -8.62
N ARG E 92 19.80 -12.53 -8.04
CA ARG E 92 19.54 -12.48 -6.60
C ARG E 92 19.02 -13.82 -6.12
N ASN E 93 18.14 -14.44 -6.89
CA ASN E 93 17.57 -15.73 -6.52
C ASN E 93 18.61 -16.83 -6.71
N LEU E 94 19.08 -16.98 -7.95
CA LEU E 94 20.07 -18.01 -8.28
C LEU E 94 21.19 -18.11 -7.26
N MET E 95 21.88 -17.01 -7.01
CA MET E 95 22.99 -17.01 -6.07
C MET E 95 22.58 -17.22 -4.61
N ALA E 96 21.59 -16.46 -4.15
CA ALA E 96 21.12 -16.59 -2.78
C ALA E 96 21.04 -18.05 -2.37
N ASN E 97 20.51 -18.88 -3.26
CA ASN E 97 20.37 -20.31 -3.00
C ASN E 97 21.72 -21.01 -3.20
N MET E 98 22.30 -20.83 -4.38
CA MET E 98 23.58 -21.46 -4.72
C MET E 98 24.63 -21.30 -3.62
N LEU E 99 24.74 -20.10 -3.07
CA LEU E 99 25.72 -19.83 -2.03
C LEU E 99 25.18 -20.18 -0.65
N ASN E 100 23.89 -20.40 -0.57
CA ASN E 100 23.24 -20.75 0.69
C ASN E 100 23.37 -19.62 1.70
N VAL E 101 22.88 -18.44 1.32
CA VAL E 101 22.92 -17.27 2.17
C VAL E 101 21.67 -16.43 1.88
N ARG E 102 21.19 -15.71 2.89
CA ARG E 102 20.01 -14.88 2.71
C ARG E 102 20.30 -13.70 1.79
N GLU E 103 19.31 -13.29 1.02
CA GLU E 103 19.48 -12.17 0.09
C GLU E 103 20.10 -10.95 0.77
N GLU E 104 19.69 -10.71 2.02
CA GLU E 104 20.22 -9.58 2.77
C GLU E 104 21.74 -9.60 2.89
N CYS E 105 22.37 -10.63 2.34
CA CYS E 105 23.82 -10.76 2.39
C CYS E 105 24.42 -10.70 0.99
N LEU E 106 23.75 -9.97 0.09
CA LEU E 106 24.22 -9.85 -1.28
C LEU E 106 24.08 -8.45 -1.85
N MET E 107 25.12 -8.01 -2.56
CA MET E 107 25.13 -6.70 -3.20
C MET E 107 25.36 -6.94 -4.68
N LEU E 108 24.34 -6.69 -5.50
CA LEU E 108 24.48 -6.91 -6.94
C LEU E 108 24.35 -5.66 -7.79
N GLN E 109 25.45 -5.31 -8.45
CA GLN E 109 25.50 -4.15 -9.32
C GLN E 109 26.34 -4.50 -10.55
N PRO E 110 25.96 -4.00 -11.73
CA PRO E 110 26.75 -4.29 -12.93
C PRO E 110 28.14 -3.67 -12.79
N PRO E 111 29.13 -4.21 -13.50
CA PRO E 111 30.48 -3.68 -13.42
C PRO E 111 30.67 -2.30 -14.06
N LYS E 112 31.71 -1.61 -13.62
CA LYS E 112 32.05 -0.30 -14.15
C LYS E 112 32.99 -0.59 -15.32
N ILE E 113 32.40 -0.89 -16.48
CA ILE E 113 33.15 -1.21 -17.68
C ILE E 113 33.92 -0.05 -18.29
N ARG E 114 33.72 1.15 -17.76
CA ARG E 114 34.43 2.31 -18.27
C ARG E 114 35.08 3.05 -17.13
N GLY E 115 36.34 2.68 -16.86
CA GLY E 115 37.09 3.30 -15.78
C GLY E 115 38.36 2.51 -15.51
N LEU E 116 39.49 3.18 -15.60
CA LEU E 116 40.77 2.53 -15.37
C LEU E 116 40.90 1.96 -13.97
N SER E 117 40.71 2.81 -12.97
CA SER E 117 40.80 2.40 -11.58
C SER E 117 40.16 1.02 -11.40
N ALA E 118 38.92 0.92 -11.85
CA ALA E 118 38.17 -0.34 -11.76
C ALA E 118 38.85 -1.44 -12.57
N ALA E 119 38.90 -1.25 -13.88
CA ALA E 119 39.50 -2.21 -14.79
C ALA E 119 40.75 -2.92 -14.25
N LEU E 120 41.53 -2.21 -13.43
CA LEU E 120 42.74 -2.80 -12.86
C LEU E 120 42.43 -3.75 -11.71
N PHE E 121 41.45 -3.38 -10.89
CA PHE E 121 41.05 -4.22 -9.76
C PHE E 121 40.90 -5.66 -10.20
N TRP E 122 40.32 -5.85 -11.38
CA TRP E 122 40.10 -7.18 -11.94
C TRP E 122 41.42 -7.77 -12.40
N PHE E 123 42.31 -6.91 -12.89
CA PHE E 123 43.61 -7.35 -13.36
C PHE E 123 44.46 -7.79 -12.17
N LYS E 124 44.60 -6.90 -11.19
CA LYS E 124 45.38 -7.21 -10.01
C LYS E 124 44.98 -8.57 -9.45
N SER E 125 43.67 -8.80 -9.36
CA SER E 125 43.16 -10.06 -8.86
C SER E 125 43.58 -11.22 -9.74
N SER E 126 43.37 -11.08 -11.05
CA SER E 126 43.72 -12.13 -12.01
C SER E 126 45.18 -12.52 -11.87
N LEU E 127 45.93 -11.77 -11.07
CA LEU E 127 47.35 -12.05 -10.85
C LEU E 127 47.53 -13.01 -9.68
N SER E 128 46.80 -12.76 -8.61
CA SER E 128 46.87 -13.60 -7.42
C SER E 128 46.47 -15.04 -7.74
N PRO E 129 47.16 -16.02 -7.14
CA PRO E 129 46.85 -17.43 -7.38
C PRO E 129 45.57 -17.82 -6.64
N ALA E 130 45.38 -17.21 -5.48
CA ALA E 130 44.21 -17.48 -4.65
C ALA E 130 42.92 -17.29 -5.44
N THR E 131 42.95 -16.38 -6.41
CA THR E 131 41.79 -16.10 -7.25
C THR E 131 41.42 -17.26 -8.15
N LEU E 132 40.12 -17.47 -8.34
CA LEU E 132 39.62 -18.52 -9.20
C LEU E 132 39.19 -17.87 -10.52
N LYS E 133 39.81 -18.27 -11.61
CA LYS E 133 39.50 -17.70 -12.92
C LYS E 133 38.99 -18.73 -13.91
N HIS E 134 38.27 -18.26 -14.93
CA HIS E 134 37.73 -19.13 -15.97
C HIS E 134 37.23 -18.31 -17.15
N GLY E 135 37.66 -18.69 -18.35
CA GLY E 135 37.25 -17.98 -19.55
C GLY E 135 38.26 -16.92 -19.93
N ALA E 136 38.05 -16.28 -21.07
CA ALA E 136 38.95 -15.23 -21.55
C ALA E 136 38.55 -13.88 -20.98
N LEU E 137 39.54 -13.11 -20.54
CA LEU E 137 39.30 -11.79 -19.98
C LEU E 137 38.32 -10.96 -20.82
N PRO E 138 37.37 -10.29 -20.16
CA PRO E 138 36.39 -9.47 -20.88
C PRO E 138 37.15 -8.44 -21.71
N GLU E 139 36.56 -8.01 -22.82
CA GLU E 139 37.21 -7.03 -23.67
C GLU E 139 37.46 -5.70 -22.96
N TRP E 140 36.43 -5.17 -22.33
CA TRP E 140 36.55 -3.89 -21.63
C TRP E 140 37.66 -3.90 -20.58
N ILE E 141 38.15 -5.08 -20.23
CA ILE E 141 39.21 -5.17 -19.24
C ILE E 141 40.60 -5.21 -19.87
N ARG E 142 40.79 -6.08 -20.85
CA ARG E 142 42.08 -6.20 -21.53
C ARG E 142 42.47 -4.87 -22.16
N ALA E 143 41.52 -4.28 -22.88
CA ALA E 143 41.75 -3.00 -23.56
C ALA E 143 42.24 -1.91 -22.61
N GLN E 144 41.53 -1.70 -21.52
CA GLN E 144 41.90 -0.68 -20.54
C GLN E 144 43.18 -0.97 -19.77
N THR E 145 43.76 -2.15 -19.97
CA THR E 145 44.99 -2.51 -19.26
C THR E 145 46.07 -3.03 -20.21
N THR E 146 46.30 -2.30 -21.29
CA THR E 146 47.31 -2.69 -22.28
C THR E 146 47.82 -1.48 -23.05
N LEU E 147 49.14 -1.41 -23.20
CA LEU E 147 49.78 -0.32 -23.93
C LEU E 147 49.24 -0.20 -25.36
N ASN E 148 48.40 0.80 -25.59
CA ASN E 148 47.82 1.01 -26.92
C ASN E 148 48.82 1.70 -27.83
N ALA F 4 0.81 5.64 -18.07
CA ALA F 4 -0.62 6.06 -17.91
C ALA F 4 -0.71 7.37 -17.14
N THR F 5 0.34 7.68 -16.38
CA THR F 5 0.38 8.90 -15.60
C THR F 5 0.17 10.11 -16.52
N VAL F 6 0.55 9.92 -17.78
CA VAL F 6 0.42 10.97 -18.79
C VAL F 6 -1.07 11.28 -19.03
N PHE F 7 -1.86 10.23 -19.16
CA PHE F 7 -3.29 10.38 -19.38
C PHE F 7 -3.96 10.91 -18.12
N LYS F 8 -3.26 10.77 -17.00
CA LYS F 8 -3.77 11.25 -15.71
C LYS F 8 -3.77 12.77 -15.74
N LEU F 9 -2.57 13.34 -15.65
CA LEU F 9 -2.37 14.78 -15.66
C LEU F 9 -3.18 15.46 -16.76
N GLY F 10 -3.12 14.90 -17.97
CA GLY F 10 -3.85 15.48 -19.08
C GLY F 10 -5.32 15.63 -18.77
N LEU F 11 -5.91 14.58 -18.19
CA LEU F 11 -7.32 14.59 -17.83
C LEU F 11 -7.58 15.67 -16.77
N PHE F 12 -6.70 15.74 -15.78
CA PHE F 12 -6.83 16.71 -14.72
C PHE F 12 -6.86 18.13 -15.28
N LYS F 13 -5.78 18.49 -15.97
CA LYS F 13 -5.68 19.82 -16.57
C LYS F 13 -6.92 20.11 -17.39
N SER F 14 -7.39 19.08 -18.11
CA SER F 14 -8.57 19.20 -18.96
C SER F 14 -9.82 19.60 -18.19
N LEU F 15 -9.95 19.11 -16.96
CA LEU F 15 -11.12 19.41 -16.15
C LEU F 15 -10.98 20.63 -15.25
N PHE F 16 -9.80 20.82 -14.67
CA PHE F 16 -9.57 21.95 -13.78
C PHE F 16 -8.87 23.13 -14.42
N LEU F 17 -8.61 23.01 -15.72
CA LEU F 17 -7.97 24.08 -16.47
C LEU F 17 -6.68 24.61 -15.87
N CYS F 18 -5.77 23.71 -15.52
CA CYS F 18 -4.49 24.11 -14.96
C CYS F 18 -3.70 22.85 -14.62
N SER F 19 -2.41 22.87 -14.91
CA SER F 19 -1.54 21.74 -14.66
C SER F 19 -1.43 21.39 -13.18
N PHE F 20 -1.58 20.11 -12.89
CA PHE F 20 -1.50 19.62 -11.51
C PHE F 20 -0.24 20.14 -10.82
N HIS F 21 0.79 20.38 -11.62
CA HIS F 21 2.06 20.89 -11.11
C HIS F 21 1.95 22.31 -10.57
N ASP F 22 1.18 23.15 -11.26
CA ASP F 22 1.03 24.55 -10.86
C ASP F 22 0.40 24.74 -9.48
N ILE F 23 0.11 23.66 -8.78
CA ILE F 23 -0.49 23.77 -7.46
C ILE F 23 0.15 22.85 -6.44
N THR F 24 1.26 22.23 -6.83
CA THR F 24 1.94 21.29 -5.94
C THR F 24 3.46 21.32 -6.08
N ARG F 25 4.17 21.21 -4.96
CA ARG F 25 5.63 21.17 -4.99
C ARG F 25 6.01 19.69 -4.96
N LEU F 26 7.24 19.36 -5.30
CA LEU F 26 7.67 17.97 -5.34
C LEU F 26 8.12 17.35 -4.02
N PHE F 27 7.89 16.04 -3.92
CA PHE F 27 8.24 15.20 -2.78
C PHE F 27 8.63 13.87 -3.41
N LYS F 28 9.90 13.72 -3.79
CA LYS F 28 10.34 12.49 -4.43
C LYS F 28 10.46 11.26 -3.53
N ASN F 29 10.19 11.43 -2.23
CA ASN F 29 10.27 10.31 -1.31
C ASN F 29 8.93 10.06 -0.61
N ASP F 30 8.38 8.87 -0.84
CA ASP F 30 7.09 8.50 -0.27
C ASP F 30 7.10 8.43 1.26
N LYS F 31 8.29 8.54 1.86
CA LYS F 31 8.43 8.50 3.30
C LYS F 31 8.40 9.89 3.92
N THR F 32 8.67 10.91 3.12
CA THR F 32 8.67 12.28 3.60
C THR F 32 7.32 12.61 4.23
N THR F 33 7.34 12.96 5.51
CA THR F 33 6.12 13.29 6.24
C THR F 33 5.73 14.75 6.05
N ASN F 34 4.43 15.03 6.20
CA ASN F 34 3.91 16.38 6.05
C ASN F 34 2.41 16.42 6.38
N GLN F 35 1.92 17.58 6.79
CA GLN F 35 0.51 17.74 7.14
C GLN F 35 -0.40 18.09 5.96
N GLN F 36 0.06 19.01 5.11
CA GLN F 36 -0.73 19.44 3.97
C GLN F 36 -0.49 18.61 2.71
N TRP F 37 -1.58 18.12 2.12
CA TRP F 37 -1.49 17.32 0.92
C TRP F 37 -2.56 17.64 -0.12
N VAL F 38 -2.16 17.58 -1.39
CA VAL F 38 -3.06 17.83 -2.50
C VAL F 38 -3.33 16.47 -3.13
N LEU F 39 -4.60 16.11 -3.27
CA LEU F 39 -4.94 14.82 -3.84
C LEU F 39 -5.81 14.88 -5.10
N ALA F 40 -5.39 14.12 -6.10
CA ALA F 40 -6.12 14.04 -7.36
C ALA F 40 -6.63 12.61 -7.43
N VAL F 41 -7.94 12.45 -7.57
CA VAL F 41 -8.52 11.11 -7.64
C VAL F 41 -9.24 10.92 -8.97
N PHE F 42 -9.29 9.67 -9.42
CA PHE F 42 -9.95 9.35 -10.68
C PHE F 42 -10.88 8.15 -10.56
N GLY F 43 -12.06 8.26 -11.18
CA GLY F 43 -13.03 7.19 -11.13
C GLY F 43 -13.68 7.07 -9.76
N LEU F 44 -13.68 8.16 -9.02
CA LEU F 44 -14.28 8.19 -7.69
C LEU F 44 -15.80 8.13 -7.74
N ALA F 45 -16.38 7.28 -6.90
CA ALA F 45 -17.82 7.12 -6.83
C ALA F 45 -18.43 8.26 -6.01
N GLU F 46 -19.48 8.87 -6.54
CA GLU F 46 -20.17 9.98 -5.87
C GLU F 46 -20.30 9.74 -4.37
N VAL F 47 -20.90 8.61 -4.01
CA VAL F 47 -21.10 8.25 -2.61
C VAL F 47 -19.83 8.37 -1.77
N PHE F 48 -18.76 7.73 -2.23
CA PHE F 48 -17.49 7.77 -1.51
C PHE F 48 -16.98 9.20 -1.37
N PHE F 49 -17.17 10.01 -2.40
CA PHE F 49 -16.73 11.40 -2.35
C PHE F 49 -17.40 12.06 -1.14
N GLU F 50 -18.73 11.99 -1.12
CA GLU F 50 -19.48 12.57 -0.02
C GLU F 50 -18.99 12.01 1.32
N ALA F 51 -18.88 10.68 1.37
CA ALA F 51 -18.43 10.01 2.58
C ALA F 51 -17.08 10.52 3.07
N SER F 52 -16.07 10.38 2.22
CA SER F 52 -14.72 10.82 2.55
C SER F 52 -14.70 12.16 3.28
N PHE F 53 -15.53 13.08 2.82
CA PHE F 53 -15.62 14.39 3.44
C PHE F 53 -15.78 14.27 4.95
N GLU F 54 -16.91 13.71 5.37
CA GLU F 54 -17.21 13.55 6.79
C GLU F 54 -16.09 12.87 7.57
N LEU F 55 -15.51 11.80 7.02
CA LEU F 55 -14.46 11.07 7.70
C LEU F 55 -13.16 11.86 7.86
N LEU F 56 -12.85 12.71 6.89
CA LEU F 56 -11.64 13.51 6.96
C LEU F 56 -11.75 14.67 7.93
N LYS F 57 -12.96 15.19 8.11
CA LYS F 57 -13.17 16.31 9.02
C LYS F 57 -12.64 15.93 10.41
N LYS F 58 -12.91 14.71 10.84
CA LYS F 58 -12.47 14.23 12.15
C LYS F 58 -10.98 14.46 12.40
N GLN F 59 -10.16 14.18 11.40
CA GLN F 59 -8.72 14.32 11.55
C GLN F 59 -8.07 15.41 10.70
N CYS F 60 -8.72 16.57 10.60
CA CYS F 60 -8.16 17.67 9.80
C CYS F 60 -8.41 19.04 10.38
N SER F 61 -7.50 19.96 10.07
CA SER F 61 -7.60 21.35 10.53
C SER F 61 -8.32 22.13 9.44
N PHE F 62 -8.09 21.74 8.20
CA PHE F 62 -8.72 22.37 7.04
C PHE F 62 -8.93 21.32 5.96
N LEU F 63 -9.96 21.52 5.14
CA LEU F 63 -10.25 20.58 4.07
C LEU F 63 -11.16 21.19 3.00
N GLN F 64 -10.74 21.06 1.74
CA GLN F 64 -11.52 21.59 0.63
C GLN F 64 -11.58 20.54 -0.47
N MET F 65 -12.79 20.21 -0.91
CA MET F 65 -12.98 19.19 -1.94
C MET F 65 -13.78 19.68 -3.13
N GLN F 66 -13.30 19.35 -4.32
CA GLN F 66 -13.99 19.72 -5.56
C GLN F 66 -14.05 18.50 -6.46
N LYS F 67 -15.09 18.40 -7.27
CA LYS F 67 -15.25 17.26 -8.17
C LYS F 67 -15.88 17.68 -9.50
N ARG F 68 -15.28 17.23 -10.60
CA ARG F 68 -15.79 17.53 -11.93
C ARG F 68 -15.74 16.29 -12.80
N SER F 69 -16.35 16.34 -13.98
CA SER F 69 -16.36 15.19 -14.88
C SER F 69 -16.95 15.50 -16.26
N HIS F 70 -16.82 14.53 -17.15
CA HIS F 70 -17.35 14.62 -18.51
C HIS F 70 -17.13 13.30 -19.23
N GLU F 71 -17.68 13.17 -20.43
CA GLU F 71 -17.57 11.93 -21.22
C GLU F 71 -16.15 11.40 -21.44
N GLY F 72 -15.16 12.00 -20.79
CA GLY F 72 -13.79 11.54 -20.96
C GLY F 72 -13.21 10.95 -19.69
N GLY F 73 -13.94 11.09 -18.58
CA GLY F 73 -13.49 10.56 -17.31
C GLY F 73 -13.77 11.54 -16.20
N THR F 74 -13.86 11.05 -14.96
CA THR F 74 -14.13 11.91 -13.83
C THR F 74 -12.90 12.09 -12.93
N CYS F 75 -12.95 13.10 -12.07
CA CYS F 75 -11.85 13.38 -11.16
C CYS F 75 -12.27 14.33 -10.03
N ALA F 76 -11.46 14.39 -9.00
CA ALA F 76 -11.71 15.25 -7.85
C ALA F 76 -10.38 15.66 -7.21
N VAL F 77 -10.35 16.84 -6.61
CA VAL F 77 -9.14 17.33 -5.97
C VAL F 77 -9.35 17.55 -4.48
N TYR F 78 -8.31 17.27 -3.69
CA TYR F 78 -8.39 17.44 -2.25
C TYR F 78 -7.23 18.27 -1.71
N LEU F 79 -7.55 19.22 -0.84
CA LEU F 79 -6.53 20.02 -0.17
C LEU F 79 -6.75 19.62 1.28
N ILE F 80 -5.86 18.79 1.80
CA ILE F 80 -6.00 18.31 3.16
C ILE F 80 -4.92 18.78 4.13
N CYS F 81 -5.34 19.10 5.34
CA CYS F 81 -4.43 19.57 6.39
C CYS F 81 -4.59 18.68 7.60
N PHE F 82 -4.08 17.45 7.52
CA PHE F 82 -4.16 16.49 8.62
C PHE F 82 -3.60 17.08 9.91
N ASN F 83 -4.27 16.80 11.03
CA ASN F 83 -3.82 17.29 12.32
C ASN F 83 -2.45 16.70 12.61
N THR F 84 -2.13 15.63 11.88
CA THR F 84 -0.84 14.96 12.06
C THR F 84 -0.11 14.83 10.74
N ALA F 85 1.22 14.91 10.79
CA ALA F 85 2.04 14.79 9.60
C ALA F 85 1.97 13.35 9.11
N LYS F 86 1.72 13.17 7.82
CA LYS F 86 1.62 11.84 7.24
C LYS F 86 2.48 11.68 5.99
N SER F 87 3.20 10.57 5.90
CA SER F 87 4.02 10.30 4.73
C SER F 87 3.07 10.01 3.59
N ARG F 88 3.59 9.95 2.37
CA ARG F 88 2.74 9.66 1.22
C ARG F 88 2.18 8.26 1.38
N GLU F 89 3.01 7.32 1.80
CA GLU F 89 2.57 5.94 1.99
C GLU F 89 1.34 5.98 2.90
N THR F 90 1.51 6.56 4.08
CA THR F 90 0.43 6.68 5.05
C THR F 90 -0.85 7.17 4.40
N VAL F 91 -0.78 8.33 3.75
CA VAL F 91 -1.93 8.89 3.08
C VAL F 91 -2.37 7.94 1.96
N ARG F 92 -1.42 7.58 1.11
CA ARG F 92 -1.69 6.68 0.00
C ARG F 92 -2.55 5.51 0.45
N ASN F 93 -2.26 4.98 1.63
CA ASN F 93 -3.03 3.85 2.17
C ASN F 93 -4.39 4.34 2.64
N LEU F 94 -4.40 5.26 3.59
CA LEU F 94 -5.64 5.79 4.14
C LEU F 94 -6.69 6.11 3.09
N MET F 95 -6.32 6.94 2.11
CA MET F 95 -7.26 7.34 1.06
C MET F 95 -7.64 6.20 0.12
N ALA F 96 -6.65 5.49 -0.40
CA ALA F 96 -6.89 4.40 -1.32
C ALA F 96 -8.08 3.55 -0.85
N ASN F 97 -8.12 3.29 0.45
CA ASN F 97 -9.21 2.50 1.03
C ASN F 97 -10.45 3.37 1.21
N MET F 98 -10.29 4.48 1.92
CA MET F 98 -11.39 5.40 2.19
C MET F 98 -12.21 5.72 0.95
N LEU F 99 -11.54 6.00 -0.16
CA LEU F 99 -12.23 6.34 -1.40
C LEU F 99 -12.61 5.09 -2.19
N ASN F 100 -12.06 3.95 -1.79
CA ASN F 100 -12.35 2.68 -2.47
C ASN F 100 -11.87 2.71 -3.91
N VAL F 101 -10.58 2.99 -4.09
CA VAL F 101 -9.98 3.03 -5.41
C VAL F 101 -8.54 2.53 -5.30
N ARG F 102 -8.03 1.92 -6.38
CA ARG F 102 -6.66 1.42 -6.36
C ARG F 102 -5.66 2.58 -6.33
N GLU F 103 -4.53 2.35 -5.66
CA GLU F 103 -3.49 3.37 -5.55
C GLU F 103 -3.14 3.97 -6.91
N GLU F 104 -3.12 3.13 -7.94
CA GLU F 104 -2.80 3.59 -9.28
C GLU F 104 -3.74 4.69 -9.77
N CYS F 105 -4.71 5.06 -8.94
CA CYS F 105 -5.66 6.11 -9.28
C CYS F 105 -5.51 7.30 -8.34
N LEU F 106 -4.30 7.52 -7.83
CA LEU F 106 -4.06 8.62 -6.91
C LEU F 106 -2.74 9.34 -7.16
N MET F 107 -2.78 10.67 -7.10
CA MET F 107 -1.60 11.50 -7.27
C MET F 107 -1.46 12.34 -6.02
N LEU F 108 -0.43 12.06 -5.23
CA LEU F 108 -0.22 12.80 -3.98
C LEU F 108 1.06 13.60 -3.93
N GLN F 109 0.90 14.93 -3.87
CA GLN F 109 2.02 15.85 -3.79
C GLN F 109 1.65 16.98 -2.85
N PRO F 110 2.61 17.48 -2.06
CA PRO F 110 2.31 18.58 -1.15
C PRO F 110 1.94 19.82 -1.95
N PRO F 111 1.18 20.74 -1.34
CA PRO F 111 0.77 21.96 -2.05
C PRO F 111 1.91 22.95 -2.31
N LYS F 112 1.69 23.79 -3.31
CA LYS F 112 2.65 24.83 -3.66
C LYS F 112 2.26 26.03 -2.80
N ILE F 113 2.74 26.04 -1.57
CA ILE F 113 2.43 27.11 -0.61
C ILE F 113 3.05 28.46 -0.94
N ARG F 114 3.91 28.48 -1.94
CA ARG F 114 4.54 29.75 -2.34
C ARG F 114 4.35 29.96 -3.84
N GLY F 115 3.27 30.65 -4.18
CA GLY F 115 2.96 30.93 -5.57
C GLY F 115 1.56 31.48 -5.69
N LEU F 116 1.43 32.66 -6.28
CA LEU F 116 0.13 33.29 -6.44
C LEU F 116 -0.81 32.46 -7.31
N SER F 117 -0.36 32.14 -8.52
CA SER F 117 -1.17 31.34 -9.45
C SER F 117 -1.88 30.24 -8.69
N ALA F 118 -1.11 29.45 -7.95
CA ALA F 118 -1.65 28.36 -7.17
C ALA F 118 -2.62 28.87 -6.10
N ALA F 119 -2.11 29.65 -5.16
CA ALA F 119 -2.90 30.20 -4.07
C ALA F 119 -4.31 30.62 -4.46
N LEU F 120 -4.48 31.08 -5.70
CA LEU F 120 -5.81 31.50 -6.16
C LEU F 120 -6.70 30.31 -6.50
N PHE F 121 -6.12 29.28 -7.10
CA PHE F 121 -6.88 28.08 -7.46
C PHE F 121 -7.74 27.63 -6.30
N TRP F 122 -7.17 27.70 -5.10
CA TRP F 122 -7.88 27.30 -3.89
C TRP F 122 -8.94 28.34 -3.54
N PHE F 123 -8.66 29.59 -3.84
CA PHE F 123 -9.60 30.68 -3.56
C PHE F 123 -10.79 30.57 -4.51
N LYS F 124 -10.50 30.52 -5.80
CA LYS F 124 -11.56 30.41 -6.81
C LYS F 124 -12.52 29.30 -6.42
N SER F 125 -11.96 28.17 -6.02
CA SER F 125 -12.77 27.01 -5.63
C SER F 125 -13.62 27.34 -4.41
N SER F 126 -12.98 27.89 -3.37
CA SER F 126 -13.70 28.25 -2.15
C SER F 126 -14.88 29.17 -2.42
N LEU F 127 -14.98 29.63 -3.66
CA LEU F 127 -16.08 30.51 -4.05
C LEU F 127 -17.27 29.69 -4.54
N SER F 128 -16.99 28.67 -5.36
CA SER F 128 -18.04 27.81 -5.89
C SER F 128 -18.79 27.10 -4.76
N PRO F 129 -20.12 26.97 -4.91
CA PRO F 129 -20.93 26.31 -3.88
C PRO F 129 -20.73 24.79 -3.93
N ALA F 130 -20.51 24.29 -5.15
CA ALA F 130 -20.30 22.88 -5.37
C ALA F 130 -19.17 22.34 -4.49
N THR F 131 -18.20 23.21 -4.21
CA THR F 131 -17.05 22.83 -3.38
C THR F 131 -17.44 22.56 -1.93
N LEU F 132 -16.78 21.57 -1.33
CA LEU F 132 -17.02 21.21 0.06
C LEU F 132 -15.87 21.78 0.88
N LYS F 133 -16.20 22.67 1.82
CA LYS F 133 -15.18 23.30 2.65
C LYS F 133 -15.35 23.01 4.13
N HIS F 134 -14.27 23.14 4.88
CA HIS F 134 -14.28 22.92 6.32
C HIS F 134 -13.01 23.45 6.97
N GLY F 135 -13.18 24.23 8.02
CA GLY F 135 -12.04 24.79 8.72
C GLY F 135 -11.69 26.18 8.20
N ALA F 136 -10.74 26.83 8.84
CA ALA F 136 -10.32 28.17 8.43
C ALA F 136 -9.23 28.09 7.37
N LEU F 137 -9.36 28.93 6.34
CA LEU F 137 -8.40 28.97 5.25
C LEU F 137 -6.95 28.96 5.74
N PRO F 138 -6.10 28.15 5.10
CA PRO F 138 -4.69 28.07 5.50
C PRO F 138 -4.09 29.46 5.43
N GLU F 139 -3.08 29.73 6.24
CA GLU F 139 -2.45 31.04 6.25
C GLU F 139 -1.82 31.38 4.91
N TRP F 140 -1.01 30.47 4.37
CA TRP F 140 -0.35 30.71 3.11
C TRP F 140 -1.30 31.03 1.97
N ILE F 141 -2.59 30.78 2.19
CA ILE F 141 -3.58 31.06 1.15
C ILE F 141 -4.21 32.45 1.33
N ARG F 142 -4.69 32.76 2.54
CA ARG F 142 -5.30 34.05 2.80
C ARG F 142 -4.33 35.18 2.50
N ALA F 143 -3.10 35.03 3.01
CA ALA F 143 -2.06 36.03 2.82
C ALA F 143 -1.82 36.36 1.36
N GLN F 144 -1.58 35.34 0.55
CA GLN F 144 -1.33 35.54 -0.87
C GLN F 144 -2.53 36.04 -1.67
N THR F 145 -3.69 36.11 -1.04
CA THR F 145 -4.89 36.57 -1.73
C THR F 145 -5.60 37.69 -0.98
N THR F 146 -4.85 38.70 -0.55
CA THR F 146 -5.43 39.81 0.17
C THR F 146 -4.57 41.06 0.02
N LEU F 147 -5.22 42.19 -0.22
CA LEU F 147 -4.54 43.47 -0.39
C LEU F 147 -3.70 43.81 0.83
N ASN F 148 -2.38 43.67 0.72
CA ASN F 148 -1.49 43.96 1.82
C ASN F 148 -1.25 45.47 1.94
#